data_4J6O
#
_entry.id   4J6O
#
_cell.length_a   66.700
_cell.length_b   38.660
_cell.length_c   92.950
_cell.angle_alpha   90.00
_cell.angle_beta   91.80
_cell.angle_gamma   90.00
#
_symmetry.space_group_name_H-M   'P 1 21 1'
#
loop_
_entity.id
_entity.type
_entity.pdbx_description
1 polymer Metallophosphoesterase
2 non-polymer 'CITRIC ACID'
3 non-polymer 'TRIETHYLENE GLYCOL'
4 non-polymer 'TETRAETHYLENE GLYCOL'
5 non-polymer GLYCEROL
6 non-polymer 'MANGANESE (II) ION'
7 water water
#
_entity_poly.entity_id   1
_entity_poly.type   'polypeptide(L)'
_entity_poly.pdbx_seq_one_letter_code
;SMLWNNKKDEHGPFDIIGDIHGCYDELKMLLEKLGYLIEEVEGGVGSGKYRVTHPEGRKVLFLGDLVDRGPKITEVLKLV
MGMVKSGIALCVPGNHDVKLLRKLNGRDVQITHGLDRTLEQLAKEPQEFIEEVKAFIDGLVSHYVLDDGKLVVAHAGMKE
EFQGRGSGKVREFALYGETTGETDEYGLPVRYDWASDYRGKALVVYGHTPQAEVLKVNNTINIDTGCVFGGKLTAYRYPE
REIVDVKALKTYYEPALEHHHHHH
;
_entity_poly.pdbx_strand_id   A,B
#
# COMPACT_ATOMS: atom_id res chain seq x y z
N SER A 1 16.93 -24.63 -7.10
CA SER A 1 16.01 -23.51 -7.18
C SER A 1 14.96 -23.60 -6.08
N MET A 2 15.10 -24.61 -5.22
CA MET A 2 13.99 -25.04 -4.36
C MET A 2 14.12 -24.66 -2.88
N LEU A 3 14.46 -23.42 -2.58
CA LEU A 3 14.80 -23.08 -1.20
C LEU A 3 13.57 -22.87 -0.38
N TRP A 4 13.79 -22.85 0.93
CA TRP A 4 12.69 -22.75 1.86
C TRP A 4 12.21 -21.33 1.81
N ASN A 5 13.07 -20.43 1.36
CA ASN A 5 12.68 -19.03 1.42
C ASN A 5 11.70 -18.62 0.33
N ASN A 6 11.49 -19.47 -0.66
CA ASN A 6 10.61 -19.10 -1.76
C ASN A 6 9.10 -19.30 -1.43
N LYS A 7 8.38 -18.21 -1.24
CA LYS A 7 6.93 -18.28 -0.99
C LYS A 7 6.25 -17.34 -1.96
N LYS A 8 6.80 -17.26 -3.17
CA LYS A 8 6.29 -16.35 -4.18
C LYS A 8 4.83 -16.61 -4.56
N ASP A 9 4.33 -17.81 -4.28
CA ASP A 9 2.93 -18.14 -4.56
CA ASP A 9 2.93 -18.14 -4.54
C ASP A 9 1.97 -17.65 -3.45
N GLU A 10 2.53 -17.04 -2.42
CA GLU A 10 1.75 -16.48 -1.33
C GLU A 10 1.52 -14.98 -1.54
N HIS A 11 0.26 -14.60 -1.78
CA HIS A 11 0.03 -13.23 -2.20
C HIS A 11 -0.56 -12.35 -1.09
N GLY A 12 -0.97 -12.97 0.02
CA GLY A 12 -1.53 -12.24 1.14
C GLY A 12 -2.99 -12.00 0.83
N PRO A 13 -3.58 -10.96 1.42
CA PRO A 13 -2.93 -9.93 2.25
C PRO A 13 -2.19 -10.41 3.49
N PHE A 14 -1.23 -9.61 3.97
CA PHE A 14 -0.46 -10.01 5.16
C PHE A 14 -0.48 -8.87 6.14
N ASP A 15 -0.42 -9.20 7.42
CA ASP A 15 -0.19 -8.20 8.45
C ASP A 15 1.10 -8.59 9.11
N ILE A 16 2.07 -7.70 8.97
CA ILE A 16 3.47 -8.02 9.30
C ILE A 16 3.80 -7.35 10.62
N ILE A 17 4.26 -8.14 11.62
CA ILE A 17 4.30 -7.61 13.01
C ILE A 17 5.77 -7.64 13.49
N GLY A 18 6.20 -6.55 14.12
CA GLY A 18 7.58 -6.43 14.60
C GLY A 18 7.80 -7.11 15.94
N ASP A 19 8.96 -6.82 16.55
CA ASP A 19 9.39 -7.57 17.72
C ASP A 19 8.39 -7.50 18.87
N ILE A 20 8.04 -8.68 19.35
CA ILE A 20 7.07 -8.80 20.41
C ILE A 20 7.69 -8.90 21.80
N HIS A 21 8.83 -9.64 21.90
CA HIS A 21 9.58 -9.70 23.16
C HIS A 21 8.61 -9.87 24.36
N GLY A 22 7.75 -10.87 24.27
CA GLY A 22 6.96 -11.28 25.41
C GLY A 22 5.75 -10.42 25.70
N CYS A 23 5.47 -9.44 24.83
CA CYS A 23 4.37 -8.53 25.10
C CYS A 23 3.02 -9.10 24.60
N TYR A 24 2.57 -10.17 25.22
CA TYR A 24 1.32 -10.79 24.83
C TYR A 24 0.12 -9.84 24.82
N ASP A 25 -0.02 -8.98 25.84
CA ASP A 25 -1.26 -8.20 25.96
C ASP A 25 -1.38 -7.31 24.72
N GLU A 26 -0.23 -6.75 24.33
CA GLU A 26 -0.21 -5.80 23.22
C GLU A 26 -0.40 -6.56 21.91
N LEU A 27 0.21 -7.73 21.84
CA LEU A 27 0.00 -8.60 20.66
C LEU A 27 -1.49 -8.95 20.47
N LYS A 28 -2.15 -9.32 21.55
CA LYS A 28 -3.56 -9.66 21.46
C LYS A 28 -4.34 -8.43 21.03
N MET A 29 -4.06 -7.27 21.63
CA MET A 29 -4.72 -6.02 21.23
C MET A 29 -4.51 -5.71 19.75
N LEU A 30 -3.27 -5.89 19.26
CA LEU A 30 -2.96 -5.53 17.90
C LEU A 30 -3.68 -6.48 16.93
N LEU A 31 -3.63 -7.77 17.20
CA LEU A 31 -4.33 -8.73 16.34
C LEU A 31 -5.82 -8.43 16.30
N GLU A 32 -6.40 -8.12 17.45
CA GLU A 32 -7.86 -7.86 17.49
C GLU A 32 -8.16 -6.60 16.70
N LYS A 33 -7.29 -5.61 16.83
CA LYS A 33 -7.49 -4.36 16.10
C LYS A 33 -7.42 -4.59 14.60
N LEU A 34 -6.63 -5.57 14.21
CA LEU A 34 -6.50 -5.93 12.79
C LEU A 34 -7.63 -6.82 12.28
N GLY A 35 -8.57 -7.13 13.16
CA GLY A 35 -9.69 -7.96 12.77
C GLY A 35 -9.57 -9.46 12.99
N TYR A 36 -8.45 -9.90 13.56
CA TYR A 36 -8.31 -11.31 13.93
C TYR A 36 -9.17 -11.60 15.12
N LEU A 37 -9.59 -12.86 15.21
CA LEU A 37 -10.44 -13.35 16.27
C LEU A 37 -9.62 -14.40 17.00
N ILE A 38 -9.45 -14.20 18.31
CA ILE A 38 -8.63 -15.11 19.09
C ILE A 38 -9.53 -15.86 20.05
N GLU A 39 -9.50 -17.16 19.91
CA GLU A 39 -10.30 -18.02 20.74
C GLU A 39 -9.36 -18.65 21.73
N GLU A 40 -9.71 -18.53 23.00
CA GLU A 40 -9.04 -19.32 24.02
C GLU A 40 -9.77 -20.64 23.96
N VAL A 41 -9.06 -21.67 23.52
CA VAL A 41 -9.62 -23.00 23.34
C VAL A 41 -9.91 -23.73 24.65
N GLU A 42 -11.12 -24.29 24.79
CA GLU A 42 -11.43 -25.17 25.92
C GLU A 42 -10.52 -26.40 26.05
N GLY A 43 -9.81 -26.50 27.17
CA GLY A 43 -8.94 -27.62 27.41
C GLY A 43 -7.62 -27.50 26.65
N GLY A 44 -7.48 -26.41 25.88
CA GLY A 44 -6.34 -26.28 24.98
C GLY A 44 -5.05 -26.07 25.72
N VAL A 45 -3.99 -26.71 25.23
CA VAL A 45 -2.69 -26.66 25.90
C VAL A 45 -1.51 -26.40 24.95
N GLY A 46 -0.52 -25.64 25.42
CA GLY A 46 0.67 -25.33 24.63
C GLY A 46 0.28 -24.61 23.36
N SER A 47 0.66 -25.15 22.20
CA SER A 47 0.31 -24.51 20.93
C SER A 47 -1.16 -24.68 20.53
N GLY A 48 -1.93 -25.43 21.35
CA GLY A 48 -3.34 -25.59 21.09
C GLY A 48 -4.16 -24.74 22.04
N LYS A 49 -3.49 -23.85 22.78
CA LYS A 49 -4.14 -23.04 23.79
C LYS A 49 -5.04 -22.00 23.10
N TYR A 50 -4.62 -21.53 21.93
CA TYR A 50 -5.35 -20.48 21.23
C TYR A 50 -5.69 -20.90 19.80
N ARG A 51 -6.71 -20.29 19.21
CA ARG A 51 -6.96 -20.43 17.78
C ARG A 51 -7.33 -19.07 17.20
N VAL A 52 -6.61 -18.68 16.16
CA VAL A 52 -6.77 -17.34 15.58
C VAL A 52 -7.34 -17.46 14.16
N THR A 53 -8.34 -16.65 13.83
CA THR A 53 -8.90 -16.62 12.48
C THR A 53 -9.09 -15.19 12.01
N HIS A 54 -9.33 -15.04 10.70
CA HIS A 54 -9.64 -13.74 10.12
C HIS A 54 -10.72 -13.93 9.02
N PRO A 55 -11.79 -13.18 9.14
CA PRO A 55 -12.91 -13.35 8.19
C PRO A 55 -12.57 -12.94 6.77
N GLU A 56 -11.59 -12.06 6.59
CA GLU A 56 -11.18 -11.67 5.24
C GLU A 56 -10.01 -12.54 4.72
N GLY A 57 -9.66 -13.59 5.47
CA GLY A 57 -8.60 -14.48 5.08
C GLY A 57 -7.17 -13.89 5.08
N ARG A 58 -6.96 -12.85 5.88
CA ARG A 58 -5.63 -12.24 6.00
C ARG A 58 -4.73 -13.17 6.79
N LYS A 59 -3.41 -13.02 6.58
CA LYS A 59 -2.39 -13.87 7.24
C LYS A 59 -1.38 -12.97 7.91
N VAL A 60 -0.80 -13.46 8.99
CA VAL A 60 0.19 -12.70 9.75
C VAL A 60 1.60 -13.19 9.40
N LEU A 61 2.52 -12.23 9.31
CA LEU A 61 3.94 -12.56 9.16
C LEU A 61 4.68 -11.98 10.36
N PHE A 62 5.24 -12.85 11.21
CA PHE A 62 5.96 -12.36 12.40
C PHE A 62 7.41 -12.20 12.04
N LEU A 63 8.01 -11.11 12.50
CA LEU A 63 9.41 -10.78 12.16
C LEU A 63 10.38 -11.33 13.20
N GLY A 64 9.83 -12.08 14.14
CA GLY A 64 10.63 -12.78 15.13
C GLY A 64 10.95 -11.93 16.34
N ASP A 65 11.90 -12.36 17.14
CA ASP A 65 12.20 -11.79 18.48
C ASP A 65 10.92 -11.85 19.32
N LEU A 66 10.37 -13.07 19.39
CA LEU A 66 9.17 -13.39 20.21
C LEU A 66 9.50 -13.44 21.69
N VAL A 67 10.76 -13.81 22.00
CA VAL A 67 11.13 -14.09 23.38
C VAL A 67 12.02 -13.00 23.96
N ASP A 68 12.25 -13.10 25.28
CA ASP A 68 13.10 -12.18 26.07
C ASP A 68 12.40 -10.90 26.48
N ARG A 69 12.75 -10.42 27.69
CA ARG A 69 12.43 -9.08 28.20
C ARG A 69 11.06 -8.95 28.79
N GLY A 70 10.05 -9.28 27.99
CA GLY A 70 8.68 -9.01 28.42
C GLY A 70 8.02 -9.98 29.37
N PRO A 71 6.79 -9.70 29.79
CA PRO A 71 6.15 -10.35 30.92
C PRO A 71 5.41 -11.64 30.60
N LYS A 72 5.17 -11.94 29.32
CA LYS A 72 4.27 -13.03 28.94
C LYS A 72 4.85 -13.80 27.76
N ILE A 73 6.14 -14.11 27.84
CA ILE A 73 6.83 -14.81 26.78
C ILE A 73 6.21 -16.20 26.41
N THR A 74 5.82 -17.03 27.38
CA THR A 74 5.28 -18.34 26.98
C THR A 74 3.91 -18.23 26.30
N GLU A 75 3.13 -17.23 26.70
CA GLU A 75 1.83 -17.00 26.05
CA GLU A 75 1.84 -16.95 26.07
C GLU A 75 2.05 -16.54 24.62
N VAL A 76 3.02 -15.63 24.41
CA VAL A 76 3.37 -15.25 23.05
C VAL A 76 3.75 -16.50 22.23
N LEU A 77 4.59 -17.35 22.82
CA LEU A 77 5.03 -18.52 22.09
C LEU A 77 3.86 -19.43 21.75
N LYS A 78 2.99 -19.66 22.71
CA LYS A 78 1.86 -20.56 22.44
C LYS A 78 0.98 -20.00 21.33
N LEU A 79 0.74 -18.70 21.38
CA LEU A 79 -0.11 -18.06 20.40
C LEU A 79 0.52 -18.16 19.02
N VAL A 80 1.79 -17.75 18.90
CA VAL A 80 2.43 -17.74 17.59
C VAL A 80 2.63 -19.15 16.99
N MET A 81 3.02 -20.09 17.83
CA MET A 81 3.16 -21.47 17.36
C MET A 81 1.84 -22.08 16.84
N GLY A 82 0.74 -21.80 17.53
CA GLY A 82 -0.57 -22.19 17.05
C GLY A 82 -0.97 -21.56 15.72
N MET A 83 -0.57 -20.31 15.51
CA MET A 83 -0.89 -19.60 14.29
C MET A 83 -0.13 -20.17 13.13
N VAL A 84 1.12 -20.50 13.37
CA VAL A 84 1.93 -21.05 12.30
C VAL A 84 1.34 -22.42 11.98
N LYS A 85 0.92 -23.14 13.02
CA LYS A 85 0.40 -24.51 12.79
C LYS A 85 -0.97 -24.57 12.07
N SER A 86 -1.82 -23.60 12.35
CA SER A 86 -3.15 -23.55 11.75
C SER A 86 -3.09 -22.95 10.34
N GLY A 87 -1.90 -22.46 9.97
CA GLY A 87 -1.65 -21.83 8.70
C GLY A 87 -2.06 -20.38 8.52
N ILE A 88 -2.27 -19.64 9.61
CA ILE A 88 -2.68 -18.26 9.45
C ILE A 88 -1.46 -17.35 9.60
N ALA A 89 -0.36 -17.93 10.01
CA ALA A 89 0.88 -17.14 10.13
C ALA A 89 2.13 -17.84 9.60
N LEU A 90 3.13 -17.01 9.26
CA LEU A 90 4.49 -17.48 9.14
C LEU A 90 5.37 -16.65 10.09
N CYS A 91 6.53 -17.20 10.42
CA CYS A 91 7.45 -16.51 11.33
C CYS A 91 8.87 -16.68 10.82
N VAL A 92 9.63 -15.60 10.89
CA VAL A 92 11.07 -15.66 10.59
C VAL A 92 11.75 -15.43 11.92
N PRO A 93 12.95 -15.91 12.05
CA PRO A 93 13.59 -15.86 13.34
C PRO A 93 14.32 -14.56 13.64
N GLY A 94 14.25 -14.15 14.92
CA GLY A 94 15.09 -13.06 15.39
C GLY A 94 16.32 -13.65 16.11
N ASN A 95 17.30 -12.78 16.37
CA ASN A 95 18.50 -13.18 17.06
CA ASN A 95 18.49 -13.27 17.04
C ASN A 95 18.20 -13.78 18.44
N HIS A 96 17.22 -13.19 19.14
CA HIS A 96 16.92 -13.67 20.47
C HIS A 96 16.34 -15.06 20.41
N ASP A 97 15.53 -15.33 19.39
CA ASP A 97 14.90 -16.66 19.28
C ASP A 97 15.95 -17.76 19.08
N VAL A 98 16.85 -17.51 18.15
CA VAL A 98 17.92 -18.48 17.79
CA VAL A 98 17.87 -18.51 17.82
C VAL A 98 18.87 -18.66 18.97
N LYS A 99 19.16 -17.58 19.67
CA LYS A 99 20.02 -17.72 20.85
C LYS A 99 19.32 -18.57 21.90
N LEU A 100 17.99 -18.40 22.05
CA LEU A 100 17.26 -19.21 23.00
C LEU A 100 17.33 -20.66 22.62
N LEU A 101 17.17 -20.92 21.31
CA LEU A 101 17.28 -22.32 20.82
C LEU A 101 18.63 -22.93 21.16
N ARG A 102 19.71 -22.17 20.99
CA ARG A 102 21.06 -22.68 21.33
C ARG A 102 21.14 -22.98 22.81
N LYS A 103 20.53 -22.15 23.65
CA LYS A 103 20.60 -22.36 25.10
C LYS A 103 19.78 -23.61 25.47
N LEU A 104 18.56 -23.74 24.94
CA LEU A 104 17.79 -24.93 25.22
C LEU A 104 18.46 -26.20 24.68
N ASN A 105 19.25 -26.08 23.61
CA ASN A 105 20.00 -27.22 23.04
C ASN A 105 21.21 -27.60 23.86
N GLY A 106 21.56 -26.78 24.84
CA GLY A 106 22.67 -27.10 25.75
C GLY A 106 23.88 -26.18 25.65
N ARG A 107 23.80 -25.11 24.88
CA ARG A 107 24.95 -24.22 24.83
C ARG A 107 24.97 -23.25 26.01
N ASP A 108 26.14 -23.02 26.59
CA ASP A 108 26.22 -22.20 27.78
C ASP A 108 26.37 -20.74 27.41
N VAL A 109 25.31 -20.16 26.86
CA VAL A 109 25.35 -18.79 26.33
C VAL A 109 25.22 -17.76 27.44
N GLN A 110 25.62 -16.53 27.15
CA GLN A 110 25.51 -15.46 28.11
CA GLN A 110 25.52 -15.46 28.12
C GLN A 110 24.06 -15.11 28.39
N ILE A 111 23.69 -15.03 29.67
CA ILE A 111 22.31 -14.67 30.03
C ILE A 111 22.14 -13.14 30.07
N THR A 112 21.71 -12.59 28.95
CA THR A 112 21.68 -11.14 28.78
C THR A 112 20.47 -10.72 27.97
N HIS A 113 20.24 -9.41 28.04
CA HIS A 113 19.24 -8.75 27.20
C HIS A 113 17.90 -9.41 27.33
N GLY A 114 17.52 -9.82 28.54
CA GLY A 114 16.17 -10.35 28.72
C GLY A 114 16.02 -11.85 28.69
N LEU A 115 17.10 -12.57 28.39
CA LEU A 115 17.00 -14.03 28.31
C LEU A 115 16.64 -14.63 29.67
N ASP A 116 17.07 -13.97 30.74
CA ASP A 116 16.74 -14.44 32.07
C ASP A 116 15.21 -14.52 32.21
N ARG A 117 14.50 -13.54 31.65
CA ARG A 117 13.06 -13.57 31.82
C ARG A 117 12.47 -14.76 31.07
N THR A 118 13.00 -15.06 29.88
CA THR A 118 12.45 -16.17 29.08
C THR A 118 12.64 -17.46 29.88
N LEU A 119 13.81 -17.59 30.46
CA LEU A 119 14.14 -18.86 31.09
C LEU A 119 13.30 -19.10 32.34
N GLU A 120 13.10 -18.03 33.09
CA GLU A 120 12.30 -18.15 34.31
C GLU A 120 10.81 -18.35 34.01
N GLN A 121 10.36 -17.82 32.89
CA GLN A 121 9.00 -18.07 32.45
C GLN A 121 8.83 -19.47 31.84
N LEU A 122 9.82 -19.93 31.10
CA LEU A 122 9.77 -21.26 30.51
C LEU A 122 9.79 -22.35 31.58
N ALA A 123 10.51 -22.06 32.66
CA ALA A 123 10.67 -22.99 33.77
C ALA A 123 9.34 -23.42 34.35
N LYS A 124 8.34 -22.55 34.27
CA LYS A 124 7.00 -22.85 34.76
C LYS A 124 6.17 -23.76 33.86
N GLU A 125 6.71 -24.17 32.72
CA GLU A 125 5.97 -24.96 31.73
C GLU A 125 6.48 -26.37 31.74
N PRO A 126 5.67 -27.34 31.28
CA PRO A 126 6.10 -28.73 31.15
C PRO A 126 7.15 -28.92 30.07
N GLN A 127 7.67 -30.14 29.98
CA GLN A 127 8.83 -30.41 29.15
C GLN A 127 8.45 -30.61 27.70
N GLU A 128 7.31 -31.25 27.47
CA GLU A 128 6.84 -31.44 26.10
C GLU A 128 6.62 -30.08 25.40
N PHE A 129 6.21 -29.07 26.15
CA PHE A 129 6.10 -27.73 25.57
C PHE A 129 7.47 -27.16 25.25
N ILE A 130 8.43 -27.41 26.12
CA ILE A 130 9.77 -26.93 25.86
C ILE A 130 10.33 -27.57 24.59
N GLU A 131 10.03 -28.83 24.37
CA GLU A 131 10.49 -29.49 23.15
C GLU A 131 9.75 -28.95 21.92
N GLU A 132 8.48 -28.62 22.09
CA GLU A 132 7.72 -28.00 21.01
C GLU A 132 8.34 -26.67 20.57
N VAL A 133 8.87 -25.92 21.55
CA VAL A 133 9.45 -24.59 21.28
C VAL A 133 10.74 -24.78 20.49
N LYS A 134 11.53 -25.77 20.88
CA LYS A 134 12.79 -26.09 20.20
C LYS A 134 12.55 -26.49 18.77
N ALA A 135 11.55 -27.33 18.55
CA ALA A 135 11.22 -27.77 17.21
C ALA A 135 10.72 -26.61 16.38
N PHE A 136 9.92 -25.74 17.00
CA PHE A 136 9.42 -24.59 16.31
C PHE A 136 10.53 -23.64 15.86
N ILE A 137 11.47 -23.36 16.75
CA ILE A 137 12.45 -22.37 16.41
C ILE A 137 13.42 -22.93 15.41
N ASP A 138 13.69 -24.24 15.54
CA ASP A 138 14.60 -24.90 14.65
C ASP A 138 14.09 -24.95 13.22
N GLY A 139 12.79 -24.88 13.03
CA GLY A 139 12.28 -24.94 11.68
C GLY A 139 12.06 -23.59 11.03
N LEU A 140 12.35 -22.51 11.76
CA LEU A 140 12.17 -21.18 11.16
C LEU A 140 13.19 -20.92 10.05
N VAL A 141 12.66 -20.45 8.91
N VAL A 141 12.73 -20.44 8.90
CA VAL A 141 13.37 -20.08 7.70
CA VAL A 141 13.66 -20.13 7.85
C VAL A 141 13.93 -18.64 7.85
C VAL A 141 13.94 -18.65 7.79
N SER A 142 15.16 -18.39 7.36
CA SER A 142 15.82 -17.07 7.55
C SER A 142 15.00 -15.86 7.07
N HIS A 143 14.36 -16.02 5.92
CA HIS A 143 13.52 -14.94 5.39
C HIS A 143 12.60 -15.56 4.37
N TYR A 144 11.59 -14.79 3.96
CA TYR A 144 10.72 -15.28 2.92
C TYR A 144 10.64 -14.27 1.81
N VAL A 145 10.70 -14.76 0.57
CA VAL A 145 10.37 -13.93 -0.59
C VAL A 145 8.94 -14.29 -0.96
N LEU A 146 8.06 -13.30 -0.93
CA LEU A 146 6.64 -13.56 -1.11
C LEU A 146 6.07 -12.79 -2.29
N ASP A 147 4.86 -13.19 -2.71
CA ASP A 147 4.03 -12.42 -3.64
C ASP A 147 4.80 -12.02 -4.89
N ASP A 148 5.18 -13.05 -5.64
CA ASP A 148 5.88 -12.88 -6.92
C ASP A 148 7.14 -12.07 -6.78
N GLY A 149 7.79 -12.14 -5.62
CA GLY A 149 8.99 -11.36 -5.38
C GLY A 149 8.77 -9.89 -5.07
N LYS A 150 7.54 -9.49 -4.74
CA LYS A 150 7.28 -8.10 -4.47
C LYS A 150 7.50 -7.74 -2.99
N LEU A 151 7.65 -8.76 -2.15
CA LEU A 151 7.76 -8.52 -0.73
C LEU A 151 8.80 -9.46 -0.17
N VAL A 152 9.67 -8.94 0.69
CA VAL A 152 10.61 -9.81 1.45
C VAL A 152 10.41 -9.47 2.91
N VAL A 153 10.37 -10.48 3.77
CA VAL A 153 10.36 -10.25 5.23
C VAL A 153 11.56 -10.96 5.82
N ALA A 154 12.20 -10.29 6.77
CA ALA A 154 13.38 -10.81 7.47
C ALA A 154 13.53 -10.02 8.73
N HIS A 155 14.16 -10.62 9.75
CA HIS A 155 14.27 -9.86 11.02
C HIS A 155 15.16 -8.64 10.88
N ALA A 156 16.42 -8.83 10.49
CA ALA A 156 17.34 -7.69 10.39
C ALA A 156 17.34 -7.05 9.04
N GLY A 157 16.52 -7.51 8.12
CA GLY A 157 16.55 -7.04 6.74
C GLY A 157 17.20 -8.05 5.79
N MET A 158 17.19 -7.74 4.51
CA MET A 158 17.82 -8.62 3.53
C MET A 158 18.21 -7.76 2.32
N LYS A 159 19.52 -7.51 2.17
CA LYS A 159 19.97 -6.75 1.02
C LYS A 159 19.72 -7.53 -0.29
N GLU A 160 19.62 -6.81 -1.41
CA GLU A 160 19.17 -7.39 -2.69
C GLU A 160 19.88 -8.66 -3.11
N GLU A 161 21.22 -8.63 -3.04
CA GLU A 161 22.08 -9.73 -3.48
C GLU A 161 21.77 -11.06 -2.80
N PHE A 162 21.19 -11.00 -1.58
CA PHE A 162 21.06 -12.19 -0.76
C PHE A 162 19.61 -12.70 -0.82
N GLN A 163 18.70 -11.89 -1.33
CA GLN A 163 17.31 -12.30 -1.36
C GLN A 163 17.11 -13.57 -2.17
N GLY A 164 16.45 -14.52 -1.53
CA GLY A 164 16.18 -15.78 -2.19
C GLY A 164 17.30 -16.78 -2.07
N ARG A 165 18.40 -16.39 -1.41
CA ARG A 165 19.52 -17.30 -1.21
C ARG A 165 19.47 -18.05 0.12
N GLY A 166 19.92 -19.30 0.07
CA GLY A 166 19.75 -20.16 1.20
C GLY A 166 21.05 -20.42 1.92
N SER A 167 22.11 -19.67 1.62
CA SER A 167 23.42 -19.93 2.26
C SER A 167 23.45 -19.57 3.74
N GLY A 168 24.49 -20.03 4.44
CA GLY A 168 24.64 -19.72 5.87
C GLY A 168 24.84 -18.22 6.16
N LYS A 169 25.61 -17.59 5.28
CA LYS A 169 25.83 -16.14 5.33
C LYS A 169 24.56 -15.36 5.18
N VAL A 170 23.60 -15.84 4.37
CA VAL A 170 22.32 -15.14 4.25
C VAL A 170 21.50 -15.29 5.51
N ARG A 171 21.57 -16.45 6.16
CA ARG A 171 20.83 -16.60 7.39
C ARG A 171 21.44 -15.71 8.50
N GLU A 172 22.77 -15.59 8.52
CA GLU A 172 23.35 -14.68 9.51
C GLU A 172 22.92 -13.23 9.28
N PHE A 173 22.81 -12.83 8.01
CA PHE A 173 22.33 -11.49 7.70
C PHE A 173 20.91 -11.27 8.25
N ALA A 174 20.07 -12.28 8.05
CA ALA A 174 18.67 -12.16 8.53
C ALA A 174 18.61 -11.95 10.04
N LEU A 175 19.53 -12.56 10.75
CA LEU A 175 19.48 -12.51 12.19
C LEU A 175 20.11 -11.27 12.79
N TYR A 176 21.23 -10.83 12.20
CA TYR A 176 22.20 -9.88 12.78
CA TYR A 176 21.86 -9.65 12.80
C TYR A 176 22.53 -8.70 11.83
N GLY A 177 22.21 -8.84 10.55
CA GLY A 177 22.72 -7.92 9.55
C GLY A 177 24.22 -8.16 9.38
N GLU A 178 24.91 -7.15 8.88
CA GLU A 178 26.39 -7.22 8.78
C GLU A 178 27.10 -5.96 9.24
N THR A 179 28.41 -6.09 9.38
CA THR A 179 29.19 -4.96 9.82
C THR A 179 30.02 -4.48 8.66
N THR A 180 30.54 -3.27 8.78
CA THR A 180 31.11 -2.57 7.65
C THR A 180 32.56 -2.95 7.43
N GLY A 181 33.18 -3.62 8.41
CA GLY A 181 34.60 -3.96 8.32
C GLY A 181 35.53 -3.00 9.04
N GLU A 182 35.06 -1.78 9.32
CA GLU A 182 35.87 -0.81 10.03
C GLU A 182 35.39 -0.63 11.45
N THR A 183 36.16 0.08 12.26
CA THR A 183 35.79 0.18 13.65
C THR A 183 35.39 1.61 13.99
N ASP A 184 34.70 1.78 15.11
CA ASP A 184 34.29 3.11 15.53
C ASP A 184 35.29 3.73 16.49
N GLU A 185 34.88 4.79 17.20
CA GLU A 185 35.84 5.50 18.06
C GLU A 185 36.32 4.60 19.18
N TYR A 186 35.56 3.56 19.50
CA TYR A 186 35.94 2.64 20.56
C TYR A 186 36.64 1.43 19.98
N GLY A 187 36.92 1.47 18.69
CA GLY A 187 37.51 0.34 17.99
C GLY A 187 36.62 -0.90 17.93
N LEU A 188 35.31 -0.67 17.92
CA LEU A 188 34.33 -1.75 17.86
C LEU A 188 33.75 -1.84 16.45
N PRO A 189 33.18 -3.00 16.09
CA PRO A 189 32.62 -3.12 14.75
C PRO A 189 31.44 -2.17 14.59
N VAL A 190 31.21 -1.77 13.34
CA VAL A 190 30.12 -0.86 12.97
C VAL A 190 29.04 -1.55 12.12
N ARG A 191 27.75 -1.38 12.45
CA ARG A 191 26.72 -2.03 11.64
C ARG A 191 26.68 -1.38 10.26
N TYR A 192 26.49 -2.18 9.22
CA TYR A 192 26.38 -1.66 7.87
C TYR A 192 24.93 -1.25 7.62
N ASP A 193 24.75 -0.01 7.14
CA ASP A 193 23.41 0.53 6.86
C ASP A 193 23.00 0.09 5.47
N TRP A 194 22.55 -1.16 5.37
CA TRP A 194 22.27 -1.74 4.10
C TRP A 194 21.05 -1.07 3.45
N ALA A 195 20.14 -0.57 4.29
CA ALA A 195 18.90 -0.04 3.72
C ALA A 195 19.17 1.23 2.89
N SER A 196 20.15 2.01 3.30
CA SER A 196 20.51 3.18 2.50
C SER A 196 21.00 2.85 1.11
N ASP A 197 21.67 1.71 0.96
CA ASP A 197 22.23 1.34 -0.32
C ASP A 197 21.29 0.45 -1.11
N TYR A 198 20.11 0.17 -0.56
CA TYR A 198 19.17 -0.77 -1.18
C TYR A 198 18.43 -0.17 -2.39
N ARG A 199 18.46 -0.93 -3.48
CA ARG A 199 17.83 -0.51 -4.73
C ARG A 199 17.08 -1.71 -5.32
N GLY A 200 16.69 -2.64 -4.47
CA GLY A 200 16.06 -3.85 -4.91
C GLY A 200 14.58 -3.65 -5.25
N LYS A 201 14.03 -4.59 -6.01
CA LYS A 201 12.66 -4.52 -6.45
C LYS A 201 11.67 -4.76 -5.32
N ALA A 202 11.97 -5.74 -4.46
CA ALA A 202 11.03 -6.13 -3.41
C ALA A 202 10.99 -5.11 -2.30
N LEU A 203 9.81 -4.84 -1.81
CA LEU A 203 9.67 -4.08 -0.58
C LEU A 203 10.17 -4.98 0.56
N VAL A 204 11.09 -4.49 1.41
CA VAL A 204 11.58 -5.31 2.51
C VAL A 204 11.02 -4.76 3.79
N VAL A 205 10.23 -5.58 4.49
CA VAL A 205 9.69 -5.17 5.81
C VAL A 205 10.47 -5.98 6.84
N TYR A 206 11.05 -5.28 7.80
CA TYR A 206 11.96 -5.91 8.74
C TYR A 206 11.86 -5.23 10.09
N GLY A 207 12.60 -5.73 11.08
CA GLY A 207 12.48 -5.22 12.45
C GLY A 207 13.84 -5.33 13.14
N HIS A 208 14.78 -4.47 12.76
CA HIS A 208 16.12 -4.62 13.29
C HIS A 208 16.31 -3.81 14.55
N THR A 209 17.11 -2.75 14.52
CA THR A 209 17.26 -2.01 15.77
C THR A 209 15.94 -1.24 16.01
N PRO A 210 15.51 -1.19 17.27
CA PRO A 210 14.22 -0.55 17.58
C PRO A 210 14.22 0.96 17.36
N GLN A 211 13.06 1.46 16.91
CA GLN A 211 12.92 2.86 16.53
C GLN A 211 11.71 3.44 17.23
N ALA A 212 11.66 4.77 17.39
CA ALA A 212 10.44 5.35 17.94
C ALA A 212 9.27 5.30 16.98
N GLU A 213 9.53 5.43 15.69
CA GLU A 213 8.47 5.35 14.69
C GLU A 213 9.04 4.51 13.56
N VAL A 214 8.15 4.04 12.70
CA VAL A 214 8.59 3.19 11.60
C VAL A 214 9.63 3.98 10.75
N LEU A 215 10.65 3.27 10.28
CA LEU A 215 11.72 3.90 9.49
C LEU A 215 11.71 3.39 8.04
N LYS A 216 11.19 4.25 7.15
CA LYS A 216 11.03 3.92 5.74
CA LYS A 216 11.05 3.92 5.74
C LYS A 216 12.23 4.51 4.99
N VAL A 217 12.98 3.66 4.29
CA VAL A 217 14.18 4.08 3.57
C VAL A 217 14.25 3.28 2.27
N ASN A 218 14.14 4.00 1.14
N ASN A 218 14.10 3.91 1.09
CA ASN A 218 14.06 3.37 -0.17
CA ASN A 218 14.36 3.20 -0.19
C ASN A 218 12.92 2.37 -0.06
C ASN A 218 13.63 1.86 -0.41
N ASN A 219 13.05 1.23 -0.71
N ASN A 219 12.30 1.84 -0.29
CA ASN A 219 11.96 0.27 -0.68
CA ASN A 219 11.50 0.62 -0.48
C ASN A 219 12.05 -0.59 0.57
C ASN A 219 11.84 -0.45 0.58
N THR A 220 12.23 0.01 1.75
CA THR A 220 12.38 -0.81 2.96
C THR A 220 11.69 -0.14 4.10
N ILE A 221 11.31 -0.89 5.11
CA ILE A 221 10.74 -0.24 6.30
C ILE A 221 11.01 -1.07 7.54
N ASN A 222 11.53 -0.43 8.56
CA ASN A 222 11.82 -1.12 9.81
C ASN A 222 10.61 -0.82 10.71
N ILE A 223 9.93 -1.87 11.11
CA ILE A 223 8.72 -1.68 11.94
C ILE A 223 8.88 -2.11 13.42
N ASP A 224 10.13 -2.25 13.88
CA ASP A 224 10.32 -2.47 15.32
C ASP A 224 10.26 -1.15 16.08
N THR A 225 9.09 -0.85 16.64
CA THR A 225 8.85 0.40 17.35
C THR A 225 8.97 0.20 18.84
N GLY A 226 9.72 -0.83 19.23
CA GLY A 226 10.15 -1.03 20.61
C GLY A 226 9.05 -1.17 21.64
N CYS A 227 8.10 -2.05 21.33
CA CYS A 227 6.98 -2.28 22.25
C CYS A 227 7.45 -2.57 23.67
N VAL A 228 8.37 -3.51 23.81
CA VAL A 228 8.73 -3.89 25.16
C VAL A 228 9.46 -2.82 25.98
N PHE A 229 10.00 -1.82 25.27
CA PHE A 229 10.71 -0.70 25.89
C PHE A 229 9.77 0.45 26.24
N GLY A 230 8.45 0.23 26.17
CA GLY A 230 7.47 1.29 26.43
C GLY A 230 7.09 2.07 25.16
N GLY A 231 7.42 1.51 23.98
CA GLY A 231 7.06 2.13 22.72
C GLY A 231 5.72 1.61 22.24
N LYS A 232 5.72 0.95 21.08
CA LYS A 232 4.47 0.42 20.56
C LYS A 232 4.77 -0.78 19.70
N LEU A 233 3.74 -1.60 19.52
CA LEU A 233 3.85 -2.78 18.67
C LEU A 233 3.15 -2.41 17.37
N THR A 234 3.89 -2.56 16.27
CA THR A 234 3.43 -2.15 14.95
C THR A 234 3.14 -3.34 14.03
N ALA A 235 2.05 -3.21 13.27
CA ALA A 235 1.82 -4.11 12.12
C ALA A 235 1.84 -3.30 10.87
N TYR A 236 2.37 -3.88 9.80
CA TYR A 236 2.36 -3.28 8.48
C TYR A 236 1.43 -4.11 7.63
N ARG A 237 0.37 -3.46 7.08
CA ARG A 237 -0.61 -4.20 6.32
C ARG A 237 -0.18 -4.15 4.86
N TYR A 238 -0.07 -5.32 4.28
CA TYR A 238 0.34 -5.50 2.89
C TYR A 238 -0.77 -6.19 2.10
N PRO A 239 -1.10 -5.69 0.90
CA PRO A 239 -0.43 -4.65 0.11
C PRO A 239 -0.92 -3.25 0.33
N GLU A 240 -1.77 -3.03 1.34
CA GLU A 240 -2.26 -1.69 1.64
C GLU A 240 -1.18 -0.69 2.02
N ARG A 241 -0.03 -1.20 2.50
CA ARG A 241 1.04 -0.31 2.93
C ARG A 241 0.50 0.68 3.98
N GLU A 242 -0.22 0.11 4.95
CA GLU A 242 -0.76 0.87 6.08
C GLU A 242 -0.14 0.44 7.39
N ILE A 243 0.11 1.42 8.24
CA ILE A 243 0.65 1.20 9.59
C ILE A 243 -0.51 1.15 10.60
N VAL A 244 -0.54 0.09 11.42
CA VAL A 244 -1.49 -0.05 12.54
C VAL A 244 -0.66 -0.36 13.78
N ASP A 245 -0.94 0.31 14.88
CA ASP A 245 -0.12 0.07 16.08
C ASP A 245 -0.90 0.11 17.38
N VAL A 246 -0.33 -0.52 18.41
CA VAL A 246 -0.90 -0.47 19.75
CA VAL A 246 -0.90 -0.44 19.74
C VAL A 246 0.20 0.02 20.69
N LYS A 247 -0.12 1.01 21.50
CA LYS A 247 0.86 1.54 22.46
CA LYS A 247 0.86 1.53 22.45
C LYS A 247 1.10 0.52 23.56
N ALA A 248 2.35 0.40 24.02
CA ALA A 248 2.61 -0.46 25.16
C ALA A 248 1.82 0.00 26.37
N LEU A 249 1.38 -0.95 27.17
CA LEU A 249 0.58 -0.67 28.37
C LEU A 249 1.42 -0.13 29.51
N LYS A 250 2.69 -0.52 29.51
CA LYS A 250 3.70 -0.16 30.51
C LYS A 250 5.05 -0.19 29.85
N THR A 251 6.04 0.36 30.55
CA THR A 251 7.42 0.17 30.14
C THR A 251 7.96 -1.12 30.77
N TYR A 252 8.15 -2.17 29.98
CA TYR A 252 8.46 -3.46 30.59
C TYR A 252 9.95 -3.67 30.78
N TYR A 253 10.75 -2.91 30.04
CA TYR A 253 12.18 -3.21 29.97
C TYR A 253 12.89 -1.94 29.55
N GLU A 254 14.11 -1.72 30.02
CA GLU A 254 14.86 -0.52 29.64
C GLU A 254 15.61 -0.68 28.35
N PRO A 255 15.54 0.32 27.47
CA PRO A 255 16.25 0.19 26.19
C PRO A 255 17.76 0.30 26.37
N ALA A 256 18.50 0.05 25.30
CA ALA A 256 19.96 0.09 25.36
C ALA A 256 20.44 1.41 25.88
N LEU A 257 21.60 1.38 26.55
CA LEU A 257 22.23 2.62 26.94
C LEU A 257 22.60 3.37 25.67
N GLU A 258 22.79 4.69 25.77
CA GLU A 258 23.20 5.45 24.59
C GLU A 258 24.50 6.18 24.88
N HIS A 259 25.46 6.08 23.96
CA HIS A 259 26.71 6.83 24.10
C HIS A 259 26.46 8.31 23.89
N HIS A 260 27.16 9.13 24.63
CA HIS A 260 27.08 10.57 24.43
C HIS A 260 27.76 11.06 23.12
N HIS A 261 28.95 10.52 22.80
CA HIS A 261 29.77 10.87 21.62
C HIS A 261 30.57 12.19 21.76
N SER B 1 -18.71 -10.81 -24.22
CA SER B 1 -18.07 -9.97 -25.23
C SER B 1 -16.60 -9.66 -24.91
N MET B 2 -15.99 -8.81 -25.73
CA MET B 2 -14.68 -8.27 -25.39
CA MET B 2 -14.69 -8.24 -25.42
C MET B 2 -14.87 -7.33 -24.23
N LEU B 3 -14.39 -7.73 -23.07
CA LEU B 3 -14.53 -6.88 -21.91
C LEU B 3 -13.32 -5.95 -21.87
N TRP B 4 -13.53 -4.76 -22.45
CA TRP B 4 -12.49 -3.74 -22.58
C TRP B 4 -11.96 -3.27 -21.23
N ASN B 5 -12.75 -3.46 -20.18
CA ASN B 5 -12.40 -3.00 -18.84
CA ASN B 5 -12.36 -2.97 -18.87
C ASN B 5 -11.32 -3.84 -18.19
N ASN B 6 -11.06 -5.03 -18.72
CA ASN B 6 -10.12 -5.87 -18.02
C ASN B 6 -8.69 -5.69 -18.54
N LYS B 7 -7.83 -5.17 -17.68
CA LYS B 7 -6.45 -4.87 -18.01
C LYS B 7 -5.63 -5.54 -16.93
N LYS B 8 -6.01 -6.77 -16.63
CA LYS B 8 -5.42 -7.47 -15.51
C LYS B 8 -3.95 -7.80 -15.71
N ASP B 9 -3.47 -7.76 -16.95
CA ASP B 9 -2.06 -8.02 -17.19
C ASP B 9 -1.24 -6.74 -17.21
N GLU B 10 -1.89 -5.61 -16.91
CA GLU B 10 -1.21 -4.34 -16.77
C GLU B 10 -0.91 -4.23 -15.27
N HIS B 11 0.34 -4.34 -14.86
CA HIS B 11 0.66 -4.39 -13.43
C HIS B 11 1.21 -3.09 -12.87
N GLY B 12 1.47 -2.12 -13.73
CA GLY B 12 1.94 -0.82 -13.27
C GLY B 12 3.46 -0.85 -13.25
N PRO B 13 4.06 0.04 -12.46
CA PRO B 13 3.42 1.05 -11.62
C PRO B 13 2.55 2.06 -12.32
N PHE B 14 1.66 2.63 -11.53
CA PHE B 14 0.73 3.64 -12.05
C PHE B 14 0.74 4.87 -11.18
N ASP B 15 0.57 6.02 -11.81
CA ASP B 15 0.34 7.27 -11.08
C ASP B 15 -1.07 7.67 -11.53
N ILE B 16 -1.98 7.73 -10.55
CA ILE B 16 -3.41 7.89 -10.84
C ILE B 16 -3.76 9.33 -10.48
N ILE B 17 -4.37 10.06 -11.42
CA ILE B 17 -4.52 11.49 -11.27
C ILE B 17 -6.00 11.92 -11.25
N GLY B 18 -6.38 12.76 -10.28
CA GLY B 18 -7.78 13.20 -10.17
C GLY B 18 -8.20 14.29 -11.16
N ASP B 19 -9.36 14.92 -10.92
CA ASP B 19 -9.97 15.78 -11.94
C ASP B 19 -9.07 16.92 -12.31
N ILE B 20 -8.78 17.04 -13.58
CA ILE B 20 -7.94 18.13 -14.02
C ILE B 20 -8.73 19.40 -14.36
N HIS B 21 -9.90 19.26 -14.99
CA HIS B 21 -10.73 20.41 -15.33
C HIS B 21 -9.94 21.57 -15.91
N GLY B 22 -9.16 21.31 -16.95
CA GLY B 22 -8.58 22.41 -17.69
C GLY B 22 -7.31 22.98 -17.06
N CYS B 23 -6.85 22.41 -15.95
CA CYS B 23 -5.69 22.98 -15.27
C CYS B 23 -4.40 22.39 -15.81
N TYR B 24 -4.06 22.82 -17.03
CA TYR B 24 -2.85 22.34 -17.69
C TYR B 24 -1.56 22.57 -16.87
N ASP B 25 -1.40 23.76 -16.28
CA ASP B 25 -0.13 24.10 -15.63
C ASP B 25 0.14 23.16 -14.45
N GLU B 26 -0.90 22.89 -13.66
CA GLU B 26 -0.75 22.04 -12.49
C GLU B 26 -0.53 20.60 -12.94
N LEU B 27 -1.22 20.18 -13.99
CA LEU B 27 -0.99 18.84 -14.56
C LEU B 27 0.48 18.68 -14.94
N LYS B 28 1.02 19.68 -15.66
CA LYS B 28 2.40 19.61 -16.15
C LYS B 28 3.35 19.55 -14.93
N MET B 29 3.11 20.42 -13.95
CA MET B 29 3.90 20.41 -12.71
C MET B 29 3.80 19.08 -11.96
N LEU B 30 2.58 18.51 -11.89
CA LEU B 30 2.39 17.24 -11.24
C LEU B 30 3.14 16.11 -11.98
N LEU B 31 2.98 16.02 -13.29
CA LEU B 31 3.70 14.97 -14.03
C LEU B 31 5.22 15.09 -13.87
N GLU B 32 5.73 16.32 -13.87
CA GLU B 32 7.17 16.52 -13.69
C GLU B 32 7.61 16.10 -12.27
N LYS B 33 6.79 16.45 -11.29
CA LYS B 33 7.04 16.03 -9.91
C LYS B 33 7.07 14.50 -9.77
N LEU B 34 6.32 13.80 -10.62
CA LEU B 34 6.28 12.34 -10.63
C LEU B 34 7.37 11.67 -11.48
N GLY B 35 8.23 12.47 -12.09
CA GLY B 35 9.34 11.90 -12.84
C GLY B 35 9.13 11.79 -14.32
N TYR B 36 7.94 12.17 -14.81
CA TYR B 36 7.69 12.20 -16.26
C TYR B 36 8.43 13.31 -17.00
N LEU B 37 8.84 13.02 -18.23
CA LEU B 37 9.55 13.96 -19.09
C LEU B 37 8.53 14.38 -20.14
N ILE B 38 8.27 15.69 -20.23
CA ILE B 38 7.35 16.18 -21.24
C ILE B 38 8.08 16.98 -22.32
N GLU B 39 8.01 16.51 -23.55
CA GLU B 39 8.68 17.21 -24.63
C GLU B 39 7.68 17.78 -25.62
N GLU B 40 7.93 18.98 -26.15
CA GLU B 40 7.11 19.56 -27.20
C GLU B 40 7.62 19.09 -28.57
N VAL B 41 6.78 18.32 -29.27
CA VAL B 41 7.19 17.70 -30.52
C VAL B 41 7.31 18.76 -31.61
N GLU B 42 8.44 18.73 -32.32
CA GLU B 42 8.80 19.75 -33.30
C GLU B 42 7.66 20.24 -34.19
N GLY B 43 7.09 19.33 -34.98
CA GLY B 43 6.00 19.72 -35.87
C GLY B 43 4.64 19.19 -35.45
N GLY B 44 4.51 18.78 -34.21
CA GLY B 44 3.28 18.15 -33.76
C GLY B 44 2.19 19.13 -33.44
N VAL B 45 0.96 18.71 -33.70
CA VAL B 45 -0.22 19.48 -33.31
C VAL B 45 -1.34 18.53 -32.88
N GLY B 46 -2.32 19.05 -32.15
CA GLY B 46 -3.38 18.22 -31.59
C GLY B 46 -2.77 17.23 -30.63
N SER B 47 -3.15 15.97 -30.76
CA SER B 47 -2.61 14.96 -29.87
C SER B 47 -1.11 14.71 -30.09
N GLY B 48 -0.57 15.27 -31.17
CA GLY B 48 0.83 15.03 -31.50
C GLY B 48 1.68 16.15 -30.95
N LYS B 49 1.05 17.08 -30.26
CA LYS B 49 1.78 18.25 -29.78
C LYS B 49 2.87 17.90 -28.75
N TYR B 50 2.59 16.92 -27.91
CA TYR B 50 3.48 16.57 -26.82
C TYR B 50 3.80 15.10 -26.81
N ARG B 51 4.96 14.76 -26.26
CA ARG B 51 5.33 13.36 -26.02
CA ARG B 51 5.31 13.37 -26.03
C ARG B 51 5.81 13.20 -24.60
N VAL B 52 5.19 12.28 -23.86
CA VAL B 52 5.49 12.11 -22.46
C VAL B 52 6.11 10.75 -22.19
N THR B 53 7.21 10.70 -21.43
CA THR B 53 7.86 9.41 -21.14
C THR B 53 8.26 9.35 -19.68
N HIS B 54 8.61 8.17 -19.21
CA HIS B 54 9.05 7.98 -17.84
C HIS B 54 10.20 6.96 -17.83
N PRO B 55 11.34 7.34 -17.25
CA PRO B 55 12.51 6.46 -17.37
C PRO B 55 12.33 5.15 -16.62
N GLU B 56 11.37 5.09 -15.70
CA GLU B 56 11.10 3.86 -14.96
C GLU B 56 9.91 3.07 -15.52
N GLY B 57 9.35 3.55 -16.63
CA GLY B 57 8.25 2.83 -17.26
C GLY B 57 6.94 2.91 -16.51
N ARG B 58 6.75 3.92 -15.67
CA ARG B 58 5.46 4.11 -15.02
C ARG B 58 4.43 4.63 -16.03
N LYS B 59 3.17 4.34 -15.77
CA LYS B 59 2.10 4.83 -16.62
C LYS B 59 1.11 5.63 -15.77
N VAL B 60 0.36 6.53 -16.43
CA VAL B 60 -0.60 7.38 -15.79
C VAL B 60 -2.01 6.83 -16.03
N LEU B 61 -2.81 6.82 -14.98
CA LEU B 61 -4.25 6.58 -15.14
C LEU B 61 -4.98 7.84 -14.79
N PHE B 62 -5.65 8.43 -15.80
CA PHE B 62 -6.44 9.62 -15.54
C PHE B 62 -7.87 9.23 -15.20
N LEU B 63 -8.41 9.92 -14.19
CA LEU B 63 -9.75 9.62 -13.70
C LEU B 63 -10.80 10.44 -14.40
N GLY B 64 -10.42 11.16 -15.44
CA GLY B 64 -11.37 11.90 -16.25
C GLY B 64 -11.73 13.29 -15.71
N ASP B 65 -12.82 13.86 -16.22
CA ASP B 65 -13.12 15.27 -15.96
C ASP B 65 -11.93 16.13 -16.37
N LEU B 66 -11.52 15.95 -17.63
CA LEU B 66 -10.45 16.73 -18.21
C LEU B 66 -10.89 18.13 -18.58
N VAL B 67 -12.18 18.23 -18.88
CA VAL B 67 -12.73 19.44 -19.50
C VAL B 67 -13.54 20.24 -18.49
N ASP B 68 -13.95 21.43 -18.92
CA ASP B 68 -14.80 22.38 -18.18
C ASP B 68 -14.00 23.17 -17.12
N ARG B 69 -14.39 24.43 -16.91
CA ARG B 69 -13.98 25.24 -15.75
C ARG B 69 -12.62 25.91 -15.84
N GLY B 70 -11.58 25.14 -16.11
CA GLY B 70 -10.24 25.69 -16.14
C GLY B 70 -9.84 26.49 -17.38
N PRO B 71 -8.64 27.08 -17.35
CA PRO B 71 -8.16 28.01 -18.38
C PRO B 71 -7.50 27.37 -19.60
N LYS B 72 -7.05 26.11 -19.47
CA LYS B 72 -6.30 25.48 -20.55
C LYS B 72 -6.83 24.09 -20.95
N ILE B 73 -8.14 24.03 -21.16
CA ILE B 73 -8.84 22.79 -21.53
C ILE B 73 -8.26 22.11 -22.79
N THR B 74 -8.03 22.88 -23.84
CA THR B 74 -7.47 22.31 -25.06
C THR B 74 -6.05 21.77 -24.90
N GLU B 75 -5.22 22.43 -24.09
CA GLU B 75 -3.88 21.90 -23.83
C GLU B 75 -3.94 20.59 -23.07
N VAL B 76 -4.83 20.50 -22.09
CA VAL B 76 -4.99 19.28 -21.33
C VAL B 76 -5.46 18.20 -22.26
N LEU B 77 -6.43 18.52 -23.12
CA LEU B 77 -6.90 17.52 -24.09
C LEU B 77 -5.74 17.02 -24.95
N LYS B 78 -4.96 17.95 -25.49
CA LYS B 78 -3.84 17.60 -26.37
C LYS B 78 -2.85 16.68 -25.65
N LEU B 79 -2.49 17.04 -24.43
CA LEU B 79 -1.52 16.25 -23.67
C LEU B 79 -2.03 14.84 -23.35
N VAL B 80 -3.22 14.76 -22.80
CA VAL B 80 -3.80 13.49 -22.40
C VAL B 80 -4.05 12.61 -23.60
N MET B 81 -4.60 13.19 -24.67
CA MET B 81 -4.84 12.39 -25.84
C MET B 81 -3.54 11.81 -26.37
N GLY B 82 -2.48 12.61 -26.37
CA GLY B 82 -1.19 12.08 -26.79
C GLY B 82 -0.65 10.99 -25.86
N MET B 83 -0.98 11.08 -24.57
CA MET B 83 -0.46 10.09 -23.64
C MET B 83 -1.20 8.79 -23.85
N VAL B 84 -2.52 8.88 -24.07
CA VAL B 84 -3.26 7.66 -24.36
C VAL B 84 -2.79 7.03 -25.69
N LYS B 85 -2.58 7.88 -26.70
CA LYS B 85 -2.13 7.39 -28.01
C LYS B 85 -0.78 6.69 -27.95
N SER B 86 0.16 7.24 -27.18
CA SER B 86 1.52 6.74 -27.12
C SER B 86 1.66 5.57 -26.16
N GLY B 87 0.56 5.23 -25.49
CA GLY B 87 0.55 4.11 -24.57
C GLY B 87 1.08 4.34 -23.15
N ILE B 88 1.42 5.57 -22.79
CA ILE B 88 1.85 5.80 -21.43
C ILE B 88 0.70 6.13 -20.47
N ALA B 89 -0.50 6.26 -21.01
CA ALA B 89 -1.69 6.49 -20.14
C ALA B 89 -2.94 5.75 -20.54
N LEU B 90 -3.84 5.57 -19.57
N LEU B 90 -3.84 5.57 -19.57
CA LEU B 90 -5.23 5.21 -19.83
CA LEU B 90 -5.23 5.20 -19.83
C LEU B 90 -6.08 6.33 -19.26
C LEU B 90 -6.09 6.32 -19.25
N CYS B 91 -7.32 6.48 -19.73
CA CYS B 91 -8.18 7.53 -19.21
C CYS B 91 -9.57 6.93 -19.07
N VAL B 92 -10.23 7.20 -17.96
CA VAL B 92 -11.65 6.82 -17.85
C VAL B 92 -12.48 8.10 -17.90
N PRO B 93 -13.77 8.01 -18.27
CA PRO B 93 -14.52 9.25 -18.46
C PRO B 93 -15.10 9.84 -17.19
N GLY B 94 -15.20 11.18 -17.13
CA GLY B 94 -15.93 11.87 -16.09
C GLY B 94 -17.23 12.36 -16.70
N ASN B 95 -18.15 12.82 -15.84
CA ASN B 95 -19.47 13.27 -16.30
C ASN B 95 -19.31 14.48 -17.21
N HIS B 96 -18.36 15.36 -16.87
CA HIS B 96 -18.16 16.54 -17.70
C HIS B 96 -17.63 16.21 -19.12
N ASP B 97 -16.83 15.15 -19.23
CA ASP B 97 -16.31 14.78 -20.53
C ASP B 97 -17.47 14.27 -21.40
N VAL B 98 -18.32 13.47 -20.79
CA VAL B 98 -19.41 12.83 -21.52
C VAL B 98 -20.45 13.83 -21.96
N LYS B 99 -20.70 14.82 -21.12
CA LYS B 99 -21.65 15.89 -21.44
C LYS B 99 -21.15 16.79 -22.58
N LEU B 100 -19.82 16.92 -22.68
CA LEU B 100 -19.20 17.66 -23.77
C LEU B 100 -19.37 16.91 -25.10
N LEU B 101 -19.17 15.60 -25.05
CA LEU B 101 -19.34 14.76 -26.22
C LEU B 101 -20.74 14.92 -26.79
N ARG B 102 -21.74 14.84 -25.93
CA ARG B 102 -23.12 15.08 -26.33
C ARG B 102 -23.37 16.44 -26.97
N LYS B 103 -22.93 17.50 -26.31
CA LYS B 103 -23.04 18.83 -26.89
C LYS B 103 -22.25 18.88 -28.20
N LEU B 104 -21.11 18.18 -28.26
CA LEU B 104 -20.31 18.15 -29.49
C LEU B 104 -21.00 17.41 -30.64
N ASN B 105 -21.70 16.32 -30.32
CA ASN B 105 -22.30 15.48 -31.34
C ASN B 105 -23.53 16.12 -31.96
N GLY B 106 -23.98 17.21 -31.35
CA GLY B 106 -25.27 17.79 -31.64
C GLY B 106 -26.23 17.25 -30.60
N ARG B 107 -26.51 18.06 -29.58
CA ARG B 107 -27.49 17.74 -28.55
C ARG B 107 -27.60 18.96 -27.63
N ASP B 108 -28.84 19.34 -27.33
CA ASP B 108 -29.10 20.59 -26.63
C ASP B 108 -29.00 20.39 -25.13
N VAL B 109 -27.78 20.19 -24.63
CA VAL B 109 -27.55 19.89 -23.21
C VAL B 109 -27.47 21.14 -22.33
N GLN B 110 -27.70 20.96 -21.03
CA GLN B 110 -27.60 22.07 -20.07
C GLN B 110 -26.18 22.64 -20.03
N ILE B 111 -26.00 23.83 -20.57
CA ILE B 111 -24.66 24.45 -20.59
C ILE B 111 -24.29 25.07 -19.25
N THR B 112 -23.68 24.27 -18.38
CA THR B 112 -23.41 24.67 -17.00
C THR B 112 -22.05 24.14 -16.47
N HIS B 113 -21.70 24.63 -15.28
CA HIS B 113 -20.58 24.14 -14.49
C HIS B 113 -19.27 24.12 -15.26
N GLY B 114 -19.05 25.15 -16.07
CA GLY B 114 -17.79 25.29 -16.78
C GLY B 114 -17.84 24.83 -18.22
N LEU B 115 -18.99 24.34 -18.69
CA LEU B 115 -19.05 23.81 -20.04
C LEU B 115 -18.94 24.95 -21.06
N ASP B 116 -19.34 26.14 -20.64
CA ASP B 116 -19.18 27.33 -21.46
C ASP B 116 -17.71 27.60 -21.79
N ARG B 117 -16.81 27.35 -20.85
CA ARG B 117 -15.40 27.65 -21.10
C ARG B 117 -14.79 26.65 -22.06
N THR B 118 -15.25 25.41 -21.99
CA THR B 118 -14.74 24.39 -22.89
C THR B 118 -15.12 24.73 -24.33
N LEU B 119 -16.36 25.11 -24.54
CA LEU B 119 -16.83 25.44 -25.88
C LEU B 119 -16.07 26.66 -26.42
N GLU B 120 -15.76 27.60 -25.53
CA GLU B 120 -15.01 28.78 -25.91
C GLU B 120 -13.63 28.44 -26.39
N GLN B 121 -12.91 27.66 -25.59
CA GLN B 121 -11.53 27.33 -25.92
C GLN B 121 -11.46 26.40 -27.14
N LEU B 122 -12.43 25.50 -27.26
CA LEU B 122 -12.54 24.57 -28.41
C LEU B 122 -12.75 25.28 -29.76
N ALA B 123 -13.19 26.54 -29.72
CA ALA B 123 -13.41 27.35 -30.92
C ALA B 123 -12.09 27.77 -31.58
N LYS B 124 -11.05 27.99 -30.77
CA LYS B 124 -9.74 28.37 -31.30
C LYS B 124 -9.04 27.23 -32.04
N GLU B 125 -9.65 26.05 -32.03
CA GLU B 125 -8.97 24.90 -32.60
C GLU B 125 -9.64 24.51 -33.89
N PRO B 126 -8.84 24.02 -34.85
CA PRO B 126 -9.39 23.56 -36.13
C PRO B 126 -10.35 22.39 -35.93
N GLN B 127 -11.25 22.20 -36.88
CA GLN B 127 -12.22 21.10 -36.80
C GLN B 127 -11.53 19.73 -36.83
N GLU B 128 -10.30 19.68 -37.33
CA GLU B 128 -9.56 18.43 -37.37
C GLU B 128 -9.31 17.98 -35.92
N PHE B 129 -9.13 18.95 -35.02
CA PHE B 129 -8.90 18.66 -33.59
C PHE B 129 -10.19 18.28 -32.88
N ILE B 130 -11.25 19.03 -33.16
CA ILE B 130 -12.51 18.81 -32.51
C ILE B 130 -13.04 17.40 -32.75
N GLU B 131 -12.82 16.89 -33.96
CA GLU B 131 -13.33 15.56 -34.29
C GLU B 131 -12.59 14.49 -33.50
N GLU B 132 -11.29 14.75 -33.30
CA GLU B 132 -10.40 13.87 -32.57
C GLU B 132 -10.80 13.79 -31.10
N VAL B 133 -11.14 14.95 -30.53
CA VAL B 133 -11.73 15.01 -29.18
C VAL B 133 -12.97 14.14 -29.04
N LYS B 134 -13.93 14.29 -29.97
CA LYS B 134 -15.15 13.50 -29.92
C LYS B 134 -14.86 12.00 -29.96
N ALA B 135 -13.96 11.62 -30.86
CA ALA B 135 -13.58 10.23 -31.01
C ALA B 135 -12.92 9.72 -29.73
N PHE B 136 -11.98 10.50 -29.22
CA PHE B 136 -11.34 10.22 -27.93
C PHE B 136 -12.36 9.94 -26.79
N ILE B 137 -13.34 10.83 -26.60
CA ILE B 137 -14.24 10.66 -25.46
C ILE B 137 -15.18 9.50 -25.72
N ASP B 138 -15.59 9.37 -26.97
CA ASP B 138 -16.50 8.30 -27.33
C ASP B 138 -15.90 6.93 -27.08
N GLY B 139 -14.58 6.86 -27.14
CA GLY B 139 -13.88 5.60 -27.00
C GLY B 139 -13.49 5.24 -25.58
N LEU B 140 -13.69 6.17 -24.64
CA LEU B 140 -13.31 5.92 -23.24
C LEU B 140 -14.15 4.80 -22.64
N VAL B 141 -13.49 3.94 -21.89
CA VAL B 141 -14.07 2.80 -21.21
C VAL B 141 -14.45 3.22 -19.79
N SER B 142 -15.60 2.78 -19.30
CA SER B 142 -16.14 3.27 -17.99
C SER B 142 -15.17 3.11 -16.82
N HIS B 143 -14.46 1.99 -16.74
CA HIS B 143 -13.53 1.75 -15.68
C HIS B 143 -12.54 0.70 -16.15
N TYR B 144 -11.44 0.57 -15.41
CA TYR B 144 -10.49 -0.50 -15.70
C TYR B 144 -10.26 -1.31 -14.46
N VAL B 145 -10.15 -2.62 -14.65
CA VAL B 145 -9.73 -3.54 -13.59
C VAL B 145 -8.30 -3.95 -13.97
N LEU B 146 -7.34 -3.58 -13.13
CA LEU B 146 -5.91 -3.73 -13.44
C LEU B 146 -5.20 -4.67 -12.48
N ASP B 147 -3.98 -5.06 -12.87
CA ASP B 147 -3.07 -5.76 -11.95
C ASP B 147 -3.71 -6.95 -11.21
N ASP B 148 -4.09 -7.96 -11.98
CA ASP B 148 -4.70 -9.17 -11.46
C ASP B 148 -5.85 -8.89 -10.51
N GLY B 149 -6.64 -7.85 -10.80
CA GLY B 149 -7.78 -7.55 -9.97
C GLY B 149 -7.52 -6.83 -8.65
N LYS B 150 -6.31 -6.30 -8.47
CA LYS B 150 -6.01 -5.62 -7.25
C LYS B 150 -6.30 -4.15 -7.28
N LEU B 151 -6.60 -3.61 -8.46
CA LEU B 151 -6.79 -2.16 -8.59
C LEU B 151 -7.94 -1.93 -9.57
N VAL B 152 -8.80 -0.96 -9.26
CA VAL B 152 -9.86 -0.52 -10.18
C VAL B 152 -9.79 1.01 -10.18
N VAL B 153 -9.89 1.58 -11.37
CA VAL B 153 -10.04 3.02 -11.47
C VAL B 153 -11.33 3.35 -12.21
N ALA B 154 -11.97 4.39 -11.73
CA ALA B 154 -13.22 4.82 -12.30
C ALA B 154 -13.45 6.23 -11.79
N HIS B 155 -14.22 7.02 -12.49
CA HIS B 155 -14.37 8.40 -12.07
C HIS B 155 -15.14 8.59 -10.74
N ALA B 156 -16.39 8.12 -10.73
CA ALA B 156 -17.14 8.25 -9.50
C ALA B 156 -17.00 7.02 -8.61
N GLY B 157 -16.18 6.06 -9.01
CA GLY B 157 -16.03 4.83 -8.23
C GLY B 157 -16.68 3.63 -8.93
N MET B 158 -16.57 2.46 -8.32
CA MET B 158 -17.20 1.30 -8.93
C MET B 158 -17.45 0.25 -7.82
N LYS B 159 -18.71 0.01 -7.49
CA LYS B 159 -19.03 -1.03 -6.49
C LYS B 159 -18.63 -2.42 -6.98
N GLU B 160 -18.40 -3.34 -6.04
CA GLU B 160 -17.83 -4.65 -6.34
C GLU B 160 -18.57 -5.42 -7.43
N GLU B 161 -19.89 -5.46 -7.31
CA GLU B 161 -20.73 -6.24 -8.22
C GLU B 161 -20.68 -5.75 -9.67
N PHE B 162 -20.26 -4.50 -9.88
CA PHE B 162 -20.23 -3.93 -11.22
C PHE B 162 -18.82 -4.04 -11.83
N GLN B 163 -17.82 -4.42 -11.04
CA GLN B 163 -16.45 -4.38 -11.54
C GLN B 163 -16.24 -5.41 -12.60
N GLY B 164 -15.72 -4.97 -13.74
CA GLY B 164 -15.42 -5.90 -14.81
C GLY B 164 -16.57 -6.13 -15.75
N ARG B 165 -17.70 -5.47 -15.50
CA ARG B 165 -18.91 -5.72 -16.29
C ARG B 165 -19.01 -4.52 -17.23
N GLY B 166 -19.85 -4.59 -18.26
CA GLY B 166 -19.91 -3.47 -19.20
C GLY B 166 -21.29 -3.08 -19.69
N SER B 167 -22.26 -3.04 -18.78
CA SER B 167 -23.61 -2.59 -19.09
C SER B 167 -23.75 -1.08 -18.89
N GLY B 168 -24.84 -0.53 -19.43
CA GLY B 168 -25.15 0.89 -19.31
C GLY B 168 -25.23 1.32 -17.86
N LYS B 169 -25.70 0.44 -16.99
CA LYS B 169 -25.81 0.69 -15.54
C LYS B 169 -24.44 0.97 -14.93
N VAL B 170 -23.49 0.18 -15.39
CA VAL B 170 -22.12 0.26 -14.92
C VAL B 170 -21.50 1.59 -15.36
N ARG B 171 -21.67 1.95 -16.62
CA ARG B 171 -21.20 3.23 -17.10
C ARG B 171 -21.82 4.40 -16.34
N GLU B 172 -23.12 4.33 -16.06
CA GLU B 172 -23.77 5.41 -15.34
C GLU B 172 -23.14 5.56 -13.96
N PHE B 173 -22.82 4.43 -13.32
CA PHE B 173 -22.22 4.45 -12.01
C PHE B 173 -20.88 5.09 -12.07
N ALA B 174 -20.09 4.73 -13.07
CA ALA B 174 -18.75 5.35 -13.16
C ALA B 174 -18.81 6.86 -13.35
N LEU B 175 -19.85 7.37 -13.98
CA LEU B 175 -19.98 8.81 -14.26
C LEU B 175 -20.52 9.61 -13.10
N TYR B 176 -21.53 9.07 -12.44
CA TYR B 176 -22.41 9.82 -11.54
C TYR B 176 -22.56 9.18 -10.17
N GLY B 177 -22.12 7.94 -10.04
CA GLY B 177 -22.44 7.12 -8.87
C GLY B 177 -23.92 6.74 -8.96
N GLU B 178 -24.54 6.50 -7.82
CA GLU B 178 -25.97 6.27 -7.87
C GLU B 178 -26.72 6.85 -6.70
N THR B 179 -27.99 7.15 -6.95
CA THR B 179 -28.91 7.54 -5.87
C THR B 179 -29.55 6.31 -5.25
N THR B 180 -29.96 6.42 -3.99
N THR B 180 -29.94 6.41 -3.98
CA THR B 180 -30.46 5.27 -3.25
CA THR B 180 -30.46 5.28 -3.23
C THR B 180 -31.97 5.12 -3.34
C THR B 180 -31.95 5.07 -3.49
N GLY B 181 -32.63 6.15 -3.88
CA GLY B 181 -34.07 6.15 -4.05
C GLY B 181 -34.73 6.95 -2.94
N GLU B 182 -34.02 7.06 -1.81
CA GLU B 182 -34.50 7.82 -0.68
C GLU B 182 -34.33 9.35 -0.87
N THR B 183 -35.06 10.12 -0.07
CA THR B 183 -34.88 11.56 -0.04
C THR B 183 -34.45 11.97 1.37
N ASP B 184 -33.91 13.17 1.49
CA ASP B 184 -33.50 13.70 2.79
C ASP B 184 -34.64 14.48 3.42
N GLU B 185 -34.35 15.24 4.48
CA GLU B 185 -35.42 15.91 5.25
C GLU B 185 -36.01 17.05 4.47
N TYR B 186 -35.39 17.33 3.33
CA TYR B 186 -35.76 18.44 2.45
C TYR B 186 -36.44 17.90 1.20
N GLY B 187 -36.63 16.58 1.17
CA GLY B 187 -37.27 15.92 0.04
C GLY B 187 -36.41 15.84 -1.20
N LEU B 188 -35.10 15.99 -0.99
CA LEU B 188 -34.12 16.01 -2.09
C LEU B 188 -33.41 14.68 -2.13
N PRO B 189 -33.02 14.24 -3.34
CA PRO B 189 -32.40 12.92 -3.55
C PRO B 189 -31.13 12.71 -2.72
N VAL B 190 -30.89 11.45 -2.35
CA VAL B 190 -29.72 11.04 -1.56
C VAL B 190 -28.81 10.10 -2.36
N ARG B 191 -27.51 10.41 -2.36
CA ARG B 191 -26.54 9.60 -3.07
C ARG B 191 -26.22 8.32 -2.30
N TYR B 192 -26.07 7.20 -2.99
CA TYR B 192 -25.64 5.96 -2.34
C TYR B 192 -24.17 6.03 -1.91
N ASP B 193 -23.89 5.80 -0.63
CA ASP B 193 -22.52 5.79 -0.11
C ASP B 193 -21.94 4.39 -0.32
N TRP B 194 -21.56 4.12 -1.57
CA TRP B 194 -21.11 2.79 -1.92
C TRP B 194 -19.78 2.45 -1.21
N ALA B 195 -18.96 3.45 -0.96
CA ALA B 195 -17.62 3.18 -0.41
C ALA B 195 -17.71 2.64 1.03
N SER B 196 -18.71 3.11 1.77
CA SER B 196 -18.88 2.59 3.12
C SER B 196 -19.23 1.11 3.17
N ASP B 197 -20.00 0.65 2.19
CA ASP B 197 -20.38 -0.75 2.09
C ASP B 197 -19.39 -1.60 1.30
N TYR B 198 -18.34 -0.99 0.74
CA TYR B 198 -17.48 -1.73 -0.16
C TYR B 198 -16.61 -2.75 0.56
N ARG B 199 -16.56 -3.95 0.02
CA ARG B 199 -15.70 -5.00 0.59
C ARG B 199 -14.96 -5.77 -0.46
N GLY B 200 -14.74 -5.15 -1.62
CA GLY B 200 -14.07 -5.83 -2.71
C GLY B 200 -12.60 -6.00 -2.50
N LYS B 201 -12.05 -7.01 -3.17
CA LYS B 201 -10.60 -7.26 -3.17
C LYS B 201 -9.79 -6.09 -3.75
N ALA B 202 -10.28 -5.49 -4.83
CA ALA B 202 -9.55 -4.41 -5.50
C ALA B 202 -9.59 -3.07 -4.75
N LEU B 203 -8.45 -2.42 -4.63
CA LEU B 203 -8.40 -1.04 -4.23
C LEU B 203 -9.09 -0.22 -5.31
N VAL B 204 -10.07 0.63 -4.95
CA VAL B 204 -10.69 1.49 -5.94
C VAL B 204 -10.25 2.90 -5.75
N VAL B 205 -9.52 3.40 -6.74
CA VAL B 205 -9.12 4.78 -6.74
C VAL B 205 -10.02 5.55 -7.67
N TYR B 206 -10.63 6.63 -7.16
CA TYR B 206 -11.61 7.35 -7.89
C TYR B 206 -11.58 8.82 -7.57
N GLY B 207 -12.41 9.63 -8.27
CA GLY B 207 -12.41 11.08 -8.09
C GLY B 207 -13.81 11.64 -8.24
N HIS B 208 -14.64 11.41 -7.24
CA HIS B 208 -16.05 11.85 -7.39
C HIS B 208 -16.24 13.31 -6.90
N THR B 209 -16.94 13.53 -5.79
CA THR B 209 -17.13 14.90 -5.38
CA THR B 209 -17.13 14.90 -5.35
C THR B 209 -15.82 15.42 -4.79
N PRO B 210 -15.51 16.70 -5.07
CA PRO B 210 -14.22 17.27 -4.62
C PRO B 210 -14.08 17.37 -3.09
N GLN B 211 -12.85 17.15 -2.61
CA GLN B 211 -12.59 17.06 -1.17
C GLN B 211 -11.39 17.92 -0.88
N ALA B 212 -11.30 18.42 0.35
CA ALA B 212 -10.10 19.15 0.77
C ALA B 212 -8.85 18.29 0.72
N GLU B 213 -8.96 17.05 1.18
CA GLU B 213 -7.83 16.12 1.22
C GLU B 213 -8.34 14.78 0.73
N VAL B 214 -7.45 13.91 0.28
CA VAL B 214 -7.91 12.59 -0.18
C VAL B 214 -8.77 11.91 0.89
N LEU B 215 -9.76 11.13 0.45
CA LEU B 215 -10.66 10.45 1.39
C LEU B 215 -10.56 8.92 1.26
N LYS B 216 -9.88 8.30 2.22
CA LYS B 216 -9.79 6.82 2.29
C LYS B 216 -10.97 6.24 3.06
N VAL B 217 -11.68 5.30 2.45
CA VAL B 217 -12.81 4.63 3.08
C VAL B 217 -12.74 3.15 2.71
N ASN B 218 -12.46 2.33 3.71
CA ASN B 218 -12.21 0.93 3.45
C ASN B 218 -11.12 0.87 2.34
N ASN B 219 -11.30 -0.03 1.39
CA ASN B 219 -10.29 -0.26 0.38
C ASN B 219 -10.58 0.64 -0.84
N THR B 220 -10.87 1.92 -0.60
CA THR B 220 -11.15 2.88 -1.68
C THR B 220 -10.54 4.19 -1.30
N ILE B 221 -10.31 5.04 -2.29
CA ILE B 221 -9.77 6.40 -2.02
C ILE B 221 -10.22 7.37 -3.09
N ASN B 222 -10.82 8.47 -2.65
CA ASN B 222 -11.22 9.56 -3.53
C ASN B 222 -10.13 10.61 -3.56
N ILE B 223 -9.59 10.86 -4.77
CA ILE B 223 -8.46 11.79 -4.90
C ILE B 223 -8.78 13.07 -5.65
N ASP B 224 -10.06 13.39 -5.78
CA ASP B 224 -10.36 14.70 -6.39
C ASP B 224 -10.26 15.76 -5.30
N THR B 225 -9.16 16.48 -5.27
CA THR B 225 -8.92 17.52 -4.31
C THR B 225 -9.23 18.92 -4.84
N GLY B 226 -10.08 19.02 -5.88
CA GLY B 226 -10.59 20.32 -6.32
C GLY B 226 -9.61 21.34 -6.89
N CYS B 227 -8.68 20.87 -7.74
CA CYS B 227 -7.65 21.76 -8.28
C CYS B 227 -8.27 23.01 -8.86
N VAL B 228 -9.28 22.84 -9.72
CA VAL B 228 -9.78 23.98 -10.49
C VAL B 228 -10.44 25.03 -9.58
N PHE B 229 -10.88 24.56 -8.41
CA PHE B 229 -11.55 25.42 -7.42
C PHE B 229 -10.57 26.15 -6.50
N GLY B 230 -9.28 25.99 -6.76
CA GLY B 230 -8.26 26.57 -5.89
C GLY B 230 -7.71 25.62 -4.82
N GLY B 231 -7.95 24.34 -5.02
CA GLY B 231 -7.45 23.32 -4.11
C GLY B 231 -6.16 22.81 -4.64
N LYS B 232 -6.10 21.54 -4.98
CA LYS B 232 -4.86 21.00 -5.53
C LYS B 232 -5.13 19.82 -6.42
N LEU B 233 -4.12 19.48 -7.24
CA LEU B 233 -4.23 18.32 -8.12
C LEU B 233 -3.46 17.18 -7.49
N THR B 234 -4.11 16.04 -7.33
CA THR B 234 -3.48 14.93 -6.62
C THR B 234 -3.18 13.75 -7.51
N ALA B 235 -2.03 13.12 -7.31
CA ALA B 235 -1.72 11.79 -7.88
C ALA B 235 -1.59 10.72 -6.78
N TYR B 236 -2.08 9.51 -7.07
CA TYR B 236 -1.92 8.38 -6.15
C TYR B 236 -0.97 7.40 -6.83
N ARG B 237 0.18 7.16 -6.18
CA ARG B 237 1.19 6.30 -6.80
C ARG B 237 0.93 4.86 -6.38
N TYR B 238 0.83 3.96 -7.37
CA TYR B 238 0.52 2.55 -7.14
C TYR B 238 1.70 1.76 -7.72
N PRO B 239 2.23 0.76 -7.00
CA PRO B 239 1.79 0.07 -5.78
C PRO B 239 2.30 0.69 -4.49
N GLU B 240 2.95 1.82 -4.57
CA GLU B 240 3.53 2.44 -3.37
C GLU B 240 2.46 2.96 -2.39
N ARG B 241 1.25 3.24 -2.91
CA ARG B 241 0.18 3.79 -2.11
C ARG B 241 0.65 5.08 -1.40
N GLU B 242 1.17 6.00 -2.21
CA GLU B 242 1.70 7.30 -1.81
C GLU B 242 0.95 8.42 -2.48
N ILE B 243 0.76 9.51 -1.76
CA ILE B 243 0.06 10.69 -2.29
C ILE B 243 1.08 11.75 -2.75
N VAL B 244 0.93 12.31 -3.94
CA VAL B 244 1.77 13.41 -4.39
C VAL B 244 0.82 14.49 -4.88
N ASP B 245 1.08 15.75 -4.55
CA ASP B 245 0.15 16.78 -5.02
C ASP B 245 0.79 18.08 -5.42
N VAL B 246 0.04 18.87 -6.20
CA VAL B 246 0.47 20.20 -6.63
C VAL B 246 -0.64 21.19 -6.30
N LYS B 247 -0.30 22.25 -5.55
CA LYS B 247 -1.31 23.21 -5.15
C LYS B 247 -1.68 24.04 -6.38
N ALA B 248 -2.95 24.37 -6.51
CA ALA B 248 -3.38 25.22 -7.61
C ALA B 248 -2.67 26.58 -7.54
N LEU B 249 -2.24 27.12 -8.68
CA LEU B 249 -1.56 28.43 -8.72
C LEU B 249 -2.48 29.61 -8.44
N LYS B 250 -3.75 29.44 -8.77
CA LYS B 250 -4.75 30.44 -8.42
C LYS B 250 -6.09 29.74 -8.34
N THR B 251 -7.13 30.48 -7.95
CA THR B 251 -8.48 29.96 -8.00
C THR B 251 -9.05 30.26 -9.38
N TYR B 252 -9.15 29.23 -10.21
CA TYR B 252 -9.47 29.37 -11.62
C TYR B 252 -10.96 29.55 -11.79
N TYR B 253 -11.69 28.95 -10.87
CA TYR B 253 -13.13 28.87 -10.91
C TYR B 253 -13.63 28.94 -9.48
N GLU B 254 -14.14 30.10 -9.08
CA GLU B 254 -14.62 30.28 -7.71
C GLU B 254 -15.70 29.27 -7.40
N PRO B 255 -15.51 28.50 -6.31
CA PRO B 255 -16.44 27.45 -5.91
C PRO B 255 -17.81 28.04 -5.58
N ALA B 256 -17.80 29.25 -5.03
CA ALA B 256 -19.05 29.96 -4.73
C ALA B 256 -19.73 30.50 -6.00
N LEU B 257 -19.96 29.64 -6.99
CA LEU B 257 -20.64 30.06 -8.21
C LEU B 257 -21.52 28.99 -8.95
N GLU B 258 -22.57 28.46 -8.31
CA GLU B 258 -22.88 28.58 -6.89
C GLU B 258 -23.29 27.21 -6.33
#